data_5T8J
#
_entry.id   5T8J
#
_cell.length_a   52.449
_cell.length_b   65.675
_cell.length_c   70.713
_cell.angle_alpha   90.000
_cell.angle_beta   90.000
_cell.angle_gamma   90.000
#
_symmetry.space_group_name_H-M   'P 21 21 21'
#
loop_
_entity.id
_entity.type
_entity.pdbx_description
1 polymer 'Androgen receptor'
2 non-polymer GLYCEROL
3 non-polymer 2-fluoro-4-[(2S,3S)-3-hydroxy-2,3-dimethylpyrrolidin-1-yl]-3-methylbenzonitrile
4 water water
#
_entity_poly.entity_id   1
_entity_poly.type   'polypeptide(L)'
_entity_poly.pdbx_seq_one_letter_code
;MHHHHHHGSPIFLNVLEAIEPGVVCAGHDNNQPDSFAALLSSLNELGERQLVHVVKWAKALPGFRNLHVDDQMAVIQYSW
MGLMVFAMGWRSFTNVNSRMLYFAPDLVFNEYRMHKSRMYSQCVRMRHLSQEFGWLQITPQEFLCMKALLLFSIIPVDGL
KNQKFFDELRMNYIKELDRIIACKRKNPTSCSRRFYQLTKLLDSVQPIARELHQFTFDLLIKSHMVSVDFPEMMAEIISV
QVPKILSGKVKPIYFHTQ
;
_entity_poly.pdbx_strand_id   A
#
# COMPACT_ATOMS: atom_id res chain seq x y z
N PRO A 10 14.03 -16.98 -13.53
CA PRO A 10 13.77 -16.40 -12.21
C PRO A 10 13.92 -14.87 -12.16
N ILE A 11 14.15 -14.25 -13.31
CA ILE A 11 14.65 -12.87 -13.42
C ILE A 11 13.73 -11.82 -12.79
N PHE A 12 12.44 -11.96 -13.02
CA PHE A 12 11.48 -10.98 -12.53
C PHE A 12 11.43 -10.91 -11.00
N LEU A 13 11.30 -12.08 -10.38
CA LEU A 13 11.26 -12.20 -8.93
C LEU A 13 12.63 -11.96 -8.30
N ASN A 14 13.70 -12.20 -9.07
CA ASN A 14 15.05 -11.80 -8.65
C ASN A 14 15.06 -10.33 -8.37
N VAL A 15 14.45 -9.59 -9.30
CA VAL A 15 14.41 -8.16 -9.19
C VAL A 15 13.63 -7.81 -7.94
N LEU A 16 12.36 -8.19 -7.93
CA LEU A 16 11.45 -7.80 -6.86
C LEU A 16 12.04 -8.02 -5.47
N GLU A 17 12.51 -9.22 -5.20
CA GLU A 17 13.09 -9.54 -3.89
C GLU A 17 14.33 -8.68 -3.64
N ALA A 18 15.14 -8.48 -4.68
CA ALA A 18 16.41 -7.72 -4.57
C ALA A 18 16.17 -6.26 -4.22
N ILE A 19 15.08 -5.69 -4.72
CA ILE A 19 14.74 -4.27 -4.52
C ILE A 19 13.73 -4.04 -3.38
N GLU A 20 13.32 -5.13 -2.72
CA GLU A 20 12.31 -5.05 -1.66
C GLU A 20 12.94 -4.33 -0.48
N PRO A 21 12.30 -3.24 -0.02
CA PRO A 21 13.01 -2.41 0.95
C PRO A 21 13.32 -3.11 2.27
N GLY A 22 14.32 -2.61 2.98
CA GLY A 22 14.63 -3.12 4.30
C GLY A 22 13.68 -2.59 5.35
N VAL A 23 14.13 -2.64 6.60
CA VAL A 23 13.33 -2.22 7.72
C VAL A 23 13.33 -0.70 7.82
N VAL A 24 12.15 -0.11 7.86
CA VAL A 24 12.06 1.32 8.12
C VAL A 24 11.51 1.53 9.52
N CYS A 25 12.32 2.14 10.38
CA CYS A 25 11.85 2.49 11.72
C CYS A 25 11.02 3.77 11.64
N ALA A 26 10.15 3.97 12.63
CA ALA A 26 9.35 5.20 12.73
C ALA A 26 10.09 6.36 13.36
N GLY A 27 10.85 6.05 14.41
CA GLY A 27 11.45 7.06 15.29
C GLY A 27 10.63 7.21 16.56
N HIS A 28 9.64 6.33 16.73
CA HIS A 28 8.66 6.48 17.78
C HIS A 28 9.27 6.33 19.16
N ASP A 29 8.79 7.13 20.11
CA ASP A 29 9.24 7.07 21.50
C ASP A 29 8.31 6.14 22.29
N ASN A 30 8.59 4.84 22.23
CA ASN A 30 7.72 3.84 22.87
C ASN A 30 7.55 4.04 24.38
N ASN A 31 8.53 4.68 25.03
CA ASN A 31 8.56 4.77 26.49
C ASN A 31 7.98 6.09 27.02
N GLN A 32 6.84 6.48 26.47
CA GLN A 32 6.05 7.60 26.94
C GLN A 32 4.57 7.19 26.84
N PRO A 33 3.64 8.03 27.36
CA PRO A 33 2.23 7.67 27.23
C PRO A 33 1.74 7.55 25.78
N ASP A 34 0.99 6.49 25.50
CA ASP A 34 0.25 6.36 24.24
C ASP A 34 -0.79 7.47 24.20
N SER A 35 -0.88 8.14 23.08
CA SER A 35 -1.79 9.26 22.94
C SER A 35 -2.01 9.55 21.47
N PHE A 36 -3.13 10.16 21.17
CA PHE A 36 -3.49 10.39 19.79
C PHE A 36 -2.39 11.18 19.08
N ALA A 37 -2.04 12.35 19.63
CA ALA A 37 -1.06 13.27 19.00
C ALA A 37 0.32 12.65 18.77
N ALA A 38 0.82 11.86 19.73
CA ALA A 38 2.09 11.16 19.55
C ALA A 38 1.97 9.99 18.55
N LEU A 39 0.91 9.18 18.70
CA LEU A 39 0.63 8.06 17.78
C LEU A 39 0.55 8.48 16.32
N LEU A 40 -0.08 9.63 16.07
CA LEU A 40 -0.31 10.11 14.71
C LEU A 40 0.80 11.02 14.18
N SER A 41 1.54 11.66 15.07
CA SER A 41 2.75 12.35 14.65
C SER A 41 3.82 11.35 14.24
N SER A 42 3.86 10.21 14.93
CA SER A 42 4.80 9.11 14.59
C SER A 42 4.45 8.39 13.32
N LEU A 43 3.16 8.19 13.05
CA LEU A 43 2.75 7.58 11.76
C LEU A 43 3.05 8.48 10.55
N ASN A 44 2.88 9.79 10.70
CA ASN A 44 3.20 10.75 9.63
C ASN A 44 4.70 10.84 9.32
N GLU A 45 5.56 10.65 10.32
CA GLU A 45 6.98 10.53 10.07
C GLU A 45 7.26 9.16 9.44
N LEU A 46 6.53 8.13 9.82
CA LEU A 46 6.69 6.80 9.21
C LEU A 46 6.20 6.80 7.78
N GLY A 47 5.06 7.43 7.53
CA GLY A 47 4.56 7.56 6.16
C GLY A 47 5.52 8.33 5.27
N GLU A 48 6.16 9.36 5.84
CA GLU A 48 7.12 10.21 5.12
C GLU A 48 8.35 9.40 4.71
N ARG A 49 8.83 8.57 5.64
CA ARG A 49 9.97 7.70 5.40
C ARG A 49 9.61 6.56 4.45
N GLN A 50 8.49 5.88 4.72
CA GLN A 50 8.02 4.82 3.84
C GLN A 50 7.89 5.28 2.40
N LEU A 51 7.45 6.53 2.23
CA LEU A 51 7.37 7.19 0.92
C LEU A 51 8.71 7.18 0.19
N VAL A 52 9.73 7.73 0.84
CA VAL A 52 11.06 7.87 0.26
C VAL A 52 11.54 6.51 -0.27
N HIS A 53 11.27 5.47 0.49
CA HIS A 53 11.65 4.12 0.11
C HIS A 53 10.79 3.57 -1.04
N VAL A 54 9.48 3.78 -1.00
CA VAL A 54 8.62 3.43 -2.13
C VAL A 54 9.07 4.09 -3.43
N VAL A 55 9.58 5.32 -3.31
CA VAL A 55 10.05 6.07 -4.47
C VAL A 55 11.21 5.35 -5.14
N LYS A 56 12.20 4.99 -4.36
CA LYS A 56 13.36 4.31 -4.88
C LYS A 56 12.97 2.89 -5.30
N TRP A 57 12.10 2.25 -4.53
CA TRP A 57 11.62 0.90 -4.88
C TRP A 57 10.90 0.91 -6.22
N ALA A 58 9.93 1.81 -6.37
CA ALA A 58 9.24 1.98 -7.65
C ALA A 58 10.20 2.23 -8.83
N LYS A 59 11.16 3.13 -8.64
CA LYS A 59 12.03 3.54 -9.76
C LYS A 59 12.95 2.42 -10.25
N ALA A 60 13.20 1.44 -9.39
CA ALA A 60 13.95 0.24 -9.75
C ALA A 60 13.09 -0.92 -10.30
N LEU A 61 11.77 -0.76 -10.31
CA LEU A 61 10.89 -1.78 -10.88
C LEU A 61 11.17 -2.00 -12.36
N PRO A 62 11.09 -3.25 -12.82
CA PRO A 62 11.28 -3.49 -14.24
C PRO A 62 10.34 -2.64 -15.10
N GLY A 63 10.90 -2.00 -16.13
CA GLY A 63 10.11 -1.24 -17.09
C GLY A 63 9.53 0.08 -16.59
N PHE A 64 9.83 0.45 -15.35
CA PHE A 64 9.16 1.60 -14.74
C PHE A 64 9.48 2.91 -15.47
N ARG A 65 10.73 3.08 -15.88
CA ARG A 65 11.13 4.34 -16.52
C ARG A 65 10.85 4.39 -18.02
N ASN A 66 9.84 3.64 -18.48
CA ASN A 66 9.21 3.92 -19.77
C ASN A 66 8.24 5.07 -19.60
N LEU A 67 7.61 5.10 -18.42
CA LEU A 67 6.67 6.13 -18.06
C LEU A 67 7.29 7.52 -18.16
N HIS A 68 6.48 8.49 -18.57
CA HIS A 68 6.86 9.89 -18.52
C HIS A 68 7.13 10.26 -17.06
N VAL A 69 8.04 11.22 -16.86
CA VAL A 69 8.59 11.50 -15.52
C VAL A 69 7.55 11.97 -14.51
N ASP A 70 6.61 12.77 -14.97
CA ASP A 70 5.54 13.28 -14.11
C ASP A 70 4.48 12.20 -13.87
N ASP A 71 4.34 11.28 -14.81
CA ASP A 71 3.51 10.08 -14.60
C ASP A 71 4.12 9.22 -13.52
N GLN A 72 5.44 9.08 -13.56
CA GLN A 72 6.12 8.27 -12.56
C GLN A 72 5.79 8.79 -11.17
N MET A 73 5.99 10.08 -10.96
CA MET A 73 5.77 10.67 -9.66
C MET A 73 4.33 10.55 -9.19
N ALA A 74 3.40 10.80 -10.11
CA ALA A 74 1.98 10.73 -9.79
C ALA A 74 1.56 9.32 -9.37
N VAL A 75 1.89 8.36 -10.23
CA VAL A 75 1.60 6.95 -10.00
C VAL A 75 2.00 6.56 -8.59
N ILE A 76 3.24 6.89 -8.25
CA ILE A 76 3.75 6.68 -6.92
C ILE A 76 2.86 7.36 -5.88
N GLN A 77 2.61 8.66 -6.08
CA GLN A 77 1.83 9.43 -5.13
C GLN A 77 0.44 8.83 -4.91
N TYR A 78 -0.24 8.46 -6.00
CA TYR A 78 -1.60 7.92 -5.92
C TYR A 78 -1.63 6.55 -5.26
N SER A 79 -0.56 5.77 -5.48
CA SER A 79 -0.50 4.38 -5.00
C SER A 79 0.12 4.23 -3.60
N TRP A 80 0.82 5.27 -3.16
CA TRP A 80 1.63 5.22 -1.95
C TRP A 80 0.96 4.68 -0.67
N MET A 81 -0.31 4.98 -0.48
CA MET A 81 -1.04 4.56 0.73
C MET A 81 -1.40 3.07 0.72
N GLY A 82 -1.85 2.59 -0.44
CA GLY A 82 -2.27 1.20 -0.58
C GLY A 82 -1.09 0.26 -0.50
N LEU A 83 0.02 0.68 -1.09
CA LEU A 83 1.26 -0.08 -1.02
C LEU A 83 1.81 -0.17 0.41
N MET A 84 1.86 0.95 1.11
CA MET A 84 2.30 0.97 2.52
C MET A 84 1.46 0.00 3.32
N VAL A 85 0.14 0.18 3.18
CA VAL A 85 -0.83 -0.66 3.83
C VAL A 85 -0.65 -2.11 3.47
N PHE A 86 -0.36 -2.37 2.21
CA PHE A 86 -0.22 -3.73 1.74
C PHE A 86 1.00 -4.39 2.40
N ALA A 87 2.15 -3.72 2.30
CA ALA A 87 3.39 -4.22 2.89
C ALA A 87 3.29 -4.28 4.41
N MET A 88 2.70 -3.24 4.99
CA MET A 88 2.44 -3.22 6.43
C MET A 88 1.75 -4.52 6.82
N GLY A 89 0.64 -4.85 6.15
CA GLY A 89 -0.17 -6.04 6.46
C GLY A 89 0.64 -7.31 6.38
N TRP A 90 1.58 -7.34 5.44
CA TRP A 90 2.49 -8.46 5.29
C TRP A 90 3.47 -8.56 6.46
N ARG A 91 4.02 -7.41 6.87
CA ARG A 91 4.87 -7.37 8.07
C ARG A 91 4.11 -7.89 9.29
N SER A 92 2.87 -7.43 9.44
CA SER A 92 2.00 -7.90 10.52
C SER A 92 1.69 -9.39 10.41
N PHE A 93 1.49 -9.87 9.19
CA PHE A 93 1.35 -11.29 8.97
C PHE A 93 2.62 -12.02 9.43
N THR A 94 3.76 -11.65 8.88
CA THR A 94 4.98 -12.41 9.10
C THR A 94 5.68 -12.21 10.44
N ASN A 95 5.42 -11.09 11.12
CA ASN A 95 6.10 -10.79 12.40
C ASN A 95 5.27 -11.10 13.66
N VAL A 96 3.96 -10.87 13.58
CA VAL A 96 3.08 -11.04 14.73
C VAL A 96 1.89 -11.95 14.42
N ASN A 97 1.87 -12.53 13.21
CA ASN A 97 0.77 -13.38 12.76
C ASN A 97 -0.59 -12.71 12.88
N SER A 98 -0.60 -11.44 12.47
CA SER A 98 -1.81 -10.65 12.21
C SER A 98 -2.63 -10.30 13.46
N ARG A 99 -1.99 -10.40 14.64
CA ARG A 99 -2.65 -10.05 15.90
C ARG A 99 -2.65 -8.53 16.06
N MET A 100 -1.53 -7.90 15.69
CA MET A 100 -1.32 -6.48 15.84
C MET A 100 -0.84 -5.90 14.53
N LEU A 101 -0.87 -4.58 14.39
CA LEU A 101 -0.44 -3.92 13.15
C LEU A 101 1.02 -3.49 13.23
N TYR A 102 1.85 -4.13 12.39
CA TYR A 102 3.30 -3.93 12.41
C TYR A 102 3.68 -2.86 11.43
N PHE A 103 3.42 -1.62 11.83
CA PHE A 103 3.80 -0.44 11.06
C PHE A 103 5.32 -0.38 10.95
N ALA A 104 5.98 -0.56 12.08
CA ALA A 104 7.42 -0.49 12.15
C ALA A 104 7.85 -1.33 13.34
N PRO A 105 9.15 -1.63 13.43
CA PRO A 105 9.58 -2.36 14.61
C PRO A 105 9.31 -1.55 15.86
N ASP A 106 9.56 -0.23 15.79
CA ASP A 106 9.32 0.66 16.93
C ASP A 106 7.92 1.29 16.95
N LEU A 107 7.03 0.78 16.11
CA LEU A 107 5.65 1.23 16.07
C LEU A 107 4.74 0.04 15.72
N VAL A 108 4.31 -0.67 16.75
CA VAL A 108 3.51 -1.85 16.59
C VAL A 108 2.20 -1.62 17.33
N PHE A 109 1.12 -1.47 16.57
CA PHE A 109 -0.18 -1.14 17.14
C PHE A 109 -0.86 -2.36 17.75
N ASN A 110 -1.07 -2.28 19.06
CA ASN A 110 -2.01 -3.15 19.77
C ASN A 110 -3.43 -2.54 19.74
N GLU A 111 -4.39 -3.29 20.26
CA GLU A 111 -5.77 -2.83 20.33
C GLU A 111 -5.86 -1.44 20.90
N TYR A 112 -5.15 -1.24 22.00
CA TYR A 112 -5.17 0.01 22.75
C TYR A 112 -4.72 1.17 21.88
N ARG A 113 -3.58 1.04 21.22
CA ARG A 113 -3.13 2.09 20.33
C ARG A 113 -4.09 2.31 19.17
N MET A 114 -4.72 1.25 18.69
CA MET A 114 -5.76 1.33 17.66
C MET A 114 -6.85 2.30 18.05
N HIS A 115 -7.26 2.21 19.30
CA HIS A 115 -8.25 3.10 19.83
C HIS A 115 -7.70 4.52 20.02
N LYS A 116 -6.46 4.64 20.53
CA LYS A 116 -5.89 5.95 20.88
C LYS A 116 -5.51 6.77 19.66
N SER A 117 -5.12 6.08 18.61
CA SER A 117 -4.91 6.65 17.28
C SER A 117 -6.21 7.05 16.60
N ARG A 118 -7.34 6.68 17.20
CA ARG A 118 -8.66 6.96 16.65
C ARG A 118 -8.87 6.32 15.27
N MET A 119 -8.10 5.28 14.98
CA MET A 119 -8.19 4.65 13.68
C MET A 119 -8.68 3.24 13.84
N TYR A 120 -9.50 3.00 14.87
CA TYR A 120 -9.93 1.63 15.12
C TYR A 120 -10.64 1.07 13.88
N SER A 121 -11.66 1.76 13.37
CA SER A 121 -12.42 1.25 12.22
C SER A 121 -11.52 0.81 11.07
N GLN A 122 -10.41 1.52 10.89
CA GLN A 122 -9.56 1.40 9.73
C GLN A 122 -8.48 0.40 10.00
N CYS A 123 -8.02 0.37 11.24
CA CYS A 123 -7.03 -0.60 11.66
C CYS A 123 -7.62 -2.01 11.54
N VAL A 124 -8.86 -2.14 11.97
CA VAL A 124 -9.61 -3.39 11.82
C VAL A 124 -9.55 -3.94 10.40
N ARG A 125 -9.79 -3.06 9.43
CA ARG A 125 -9.79 -3.49 8.03
C ARG A 125 -8.38 -3.94 7.66
N MET A 126 -7.41 -3.09 7.94
CA MET A 126 -6.02 -3.36 7.63
C MET A 126 -5.55 -4.66 8.26
N ARG A 127 -6.07 -4.96 9.45
CA ARG A 127 -5.69 -6.19 10.13
C ARG A 127 -6.39 -7.39 9.48
N HIS A 128 -7.64 -7.19 9.09
CA HIS A 128 -8.37 -8.21 8.33
C HIS A 128 -7.56 -8.58 7.09
N LEU A 129 -7.13 -7.56 6.37
CA LEU A 129 -6.22 -7.73 5.25
C LEU A 129 -5.04 -8.61 5.62
N SER A 130 -4.36 -8.26 6.69
CA SER A 130 -3.23 -9.05 7.11
C SER A 130 -3.64 -10.52 7.16
N GLN A 131 -4.74 -10.78 7.85
CA GLN A 131 -5.20 -12.15 8.11
C GLN A 131 -5.49 -12.92 6.84
N GLU A 132 -5.92 -12.20 5.80
CA GLU A 132 -6.13 -12.82 4.50
C GLU A 132 -4.84 -13.50 4.00
N PHE A 133 -3.68 -12.87 4.23
CA PHE A 133 -2.41 -13.48 3.82
C PHE A 133 -2.25 -14.88 4.35
N GLY A 134 -2.63 -15.09 5.61
CA GLY A 134 -2.57 -16.41 6.24
C GLY A 134 -3.69 -17.33 5.80
N TRP A 135 -4.91 -16.82 5.81
CA TRP A 135 -6.06 -17.55 5.30
C TRP A 135 -5.80 -18.08 3.89
N LEU A 136 -5.28 -17.23 3.02
CA LEU A 136 -4.99 -17.59 1.63
C LEU A 136 -3.61 -18.23 1.45
N GLN A 137 -2.82 -18.32 2.52
CA GLN A 137 -1.46 -18.81 2.41
C GLN A 137 -0.80 -18.13 1.22
N ILE A 138 -0.73 -16.80 1.30
CA ILE A 138 -0.14 -16.05 0.22
C ILE A 138 1.35 -16.25 0.33
N THR A 139 1.96 -16.72 -0.76
CA THR A 139 3.39 -16.91 -0.81
C THR A 139 4.10 -15.56 -0.89
N PRO A 140 5.35 -15.49 -0.38
CA PRO A 140 6.13 -14.23 -0.43
C PRO A 140 6.27 -13.71 -1.86
N GLN A 141 6.37 -14.64 -2.79
CA GLN A 141 6.52 -14.34 -4.19
C GLN A 141 5.24 -13.71 -4.70
N GLU A 142 4.11 -14.32 -4.34
CA GLU A 142 2.79 -13.80 -4.67
C GLU A 142 2.61 -12.39 -4.12
N PHE A 143 3.09 -12.18 -2.90
CA PHE A 143 3.04 -10.86 -2.25
C PHE A 143 3.77 -9.76 -3.03
N LEU A 144 5.00 -10.04 -3.44
CA LEU A 144 5.81 -9.04 -4.16
C LEU A 144 5.18 -8.67 -5.49
N CYS A 145 4.73 -9.67 -6.24
CA CYS A 145 4.10 -9.44 -7.54
C CYS A 145 2.81 -8.63 -7.40
N MET A 146 2.02 -8.95 -6.38
CA MET A 146 0.79 -8.21 -6.11
C MET A 146 1.15 -6.80 -5.69
N LYS A 147 2.15 -6.66 -4.83
CA LYS A 147 2.54 -5.33 -4.38
C LYS A 147 3.06 -4.49 -5.54
N ALA A 148 3.95 -5.04 -6.36
CA ALA A 148 4.41 -4.34 -7.55
C ALA A 148 3.23 -3.92 -8.42
N LEU A 149 2.24 -4.80 -8.52
CA LEU A 149 1.04 -4.55 -9.34
C LEU A 149 0.13 -3.45 -8.77
N LEU A 150 0.09 -3.37 -7.44
CA LEU A 150 -0.58 -2.26 -6.78
C LEU A 150 -0.08 -0.90 -7.28
N LEU A 151 1.23 -0.75 -7.49
CA LEU A 151 1.73 0.52 -7.98
C LEU A 151 0.97 0.95 -9.22
N PHE A 152 0.57 -0.01 -10.04
CA PHE A 152 -0.12 0.28 -11.30
C PHE A 152 -1.64 0.05 -11.24
N SER A 153 -2.27 0.43 -10.13
CA SER A 153 -3.68 0.13 -9.94
C SER A 153 -4.55 1.34 -9.64
N ILE A 154 -4.11 2.56 -9.99
CA ILE A 154 -4.90 3.77 -9.73
C ILE A 154 -4.39 5.02 -10.48
N ILE A 155 -5.26 5.57 -11.34
CA ILE A 155 -4.88 6.62 -12.30
C ILE A 155 -5.97 7.69 -12.46
N PRO A 156 -5.59 8.88 -12.96
CA PRO A 156 -6.65 9.81 -13.30
C PRO A 156 -7.52 9.15 -14.34
N VAL A 157 -8.84 9.26 -14.18
CA VAL A 157 -9.79 8.83 -15.21
C VAL A 157 -9.46 9.55 -16.51
N ASP A 158 -8.99 10.79 -16.36
CA ASP A 158 -8.53 11.63 -17.48
C ASP A 158 -7.36 11.02 -18.24
N GLY A 159 -6.65 10.09 -17.61
CA GLY A 159 -5.51 9.42 -18.21
C GLY A 159 -4.20 10.08 -17.81
N LEU A 160 -3.12 9.32 -18.03
CA LEU A 160 -1.76 9.80 -17.76
C LEU A 160 -1.20 10.56 -18.95
N LYS A 161 -0.09 11.28 -18.71
CA LYS A 161 0.59 12.05 -19.77
C LYS A 161 1.03 11.17 -20.93
N ASN A 162 1.27 9.89 -20.68
CA ASN A 162 1.48 8.90 -21.73
C ASN A 162 0.95 7.52 -21.29
N GLN A 163 -0.34 7.32 -21.51
CA GLN A 163 -1.05 6.14 -21.03
C GLN A 163 -0.54 4.86 -21.68
N LYS A 164 -0.14 4.94 -22.94
CA LYS A 164 0.29 3.75 -23.69
C LYS A 164 1.29 2.88 -22.91
N PHE A 165 2.32 3.49 -22.36
CA PHE A 165 3.35 2.75 -21.63
C PHE A 165 2.87 2.21 -20.29
N PHE A 166 1.91 2.88 -19.69
CA PHE A 166 1.35 2.43 -18.42
C PHE A 166 0.58 1.13 -18.62
N ASP A 167 -0.30 1.12 -19.62
CA ASP A 167 -1.09 -0.07 -19.96
C ASP A 167 -0.19 -1.27 -20.25
N GLU A 168 0.92 -0.99 -20.91
CA GLU A 168 1.88 -1.99 -21.30
C GLU A 168 2.55 -2.59 -20.09
N LEU A 169 2.82 -1.75 -19.09
CA LEU A 169 3.46 -2.20 -17.87
C LEU A 169 2.48 -3.01 -17.09
N ARG A 170 1.32 -2.43 -16.83
CA ARG A 170 0.29 -3.11 -16.04
C ARG A 170 -0.03 -4.47 -16.66
N MET A 171 -0.27 -4.51 -17.97
CA MET A 171 -0.48 -5.77 -18.66
C MET A 171 0.64 -6.77 -18.33
N ASN A 172 1.88 -6.31 -18.51
CA ASN A 172 3.06 -7.12 -18.24
C ASN A 172 3.21 -7.54 -16.79
N TYR A 173 2.79 -6.67 -15.88
CA TYR A 173 2.80 -7.01 -14.47
C TYR A 173 1.65 -7.96 -14.09
N ILE A 174 0.50 -7.83 -14.76
CA ILE A 174 -0.59 -8.77 -14.56
C ILE A 174 -0.19 -10.17 -15.03
N LYS A 175 0.52 -10.20 -16.16
CA LYS A 175 1.03 -11.43 -16.73
C LYS A 175 1.98 -12.14 -15.74
N GLU A 176 2.90 -11.40 -15.13
CA GLU A 176 3.92 -11.99 -14.23
C GLU A 176 3.37 -12.63 -12.97
N LEU A 177 2.32 -12.02 -12.44
CA LEU A 177 1.60 -12.58 -11.32
C LEU A 177 0.90 -13.89 -11.71
N ASP A 178 0.40 -13.96 -12.94
CA ASP A 178 -0.33 -15.12 -13.43
C ASP A 178 0.59 -16.34 -13.59
N ARG A 179 1.86 -16.10 -13.89
CA ARG A 179 2.83 -17.18 -13.99
C ARG A 179 3.09 -17.79 -12.63
N ILE A 180 3.29 -16.91 -11.64
CA ILE A 180 3.85 -17.29 -10.34
C ILE A 180 2.81 -17.75 -9.30
N ILE A 181 1.52 -17.76 -9.65
CA ILE A 181 0.50 -18.08 -8.66
C ILE A 181 0.70 -19.51 -8.15
N ALA A 182 0.49 -19.66 -6.84
CA ALA A 182 0.66 -20.94 -6.17
C ALA A 182 -0.53 -21.84 -6.52
N CYS A 183 -0.31 -22.74 -7.47
CA CYS A 183 -1.41 -23.56 -7.98
C CYS A 183 -1.00 -24.83 -8.77
N LYS A 184 -1.89 -25.81 -8.78
CA LYS A 184 -1.71 -27.03 -9.57
C LYS A 184 -1.87 -26.70 -11.05
N ARG A 185 -0.74 -26.65 -11.75
CA ARG A 185 -0.73 -26.39 -13.18
C ARG A 185 -1.29 -27.57 -13.96
N LYS A 186 -1.31 -28.77 -13.38
CA LYS A 186 -1.99 -29.92 -14.00
C LYS A 186 -3.49 -30.03 -13.62
N ASN A 187 -4.09 -28.90 -13.24
CA ASN A 187 -5.49 -28.82 -12.85
C ASN A 187 -6.09 -27.45 -13.26
N PRO A 188 -7.03 -27.45 -14.23
CA PRO A 188 -7.69 -26.19 -14.66
C PRO A 188 -8.20 -25.32 -13.51
N THR A 189 -9.18 -25.84 -12.76
CA THR A 189 -9.85 -25.13 -11.67
C THR A 189 -8.88 -24.45 -10.70
N SER A 190 -7.76 -25.10 -10.42
CA SER A 190 -6.82 -24.62 -9.40
C SER A 190 -6.30 -23.24 -9.68
N CYS A 191 -5.51 -23.10 -10.75
CA CYS A 191 -4.89 -21.81 -11.04
C CYS A 191 -5.94 -20.74 -11.34
N SER A 192 -7.01 -21.13 -12.03
CA SER A 192 -8.20 -20.34 -12.20
C SER A 192 -8.64 -19.75 -10.85
N ARG A 193 -8.80 -20.63 -9.88
CA ARG A 193 -9.32 -20.27 -8.58
C ARG A 193 -8.34 -19.38 -7.83
N ARG A 194 -7.06 -19.72 -7.88
CA ARG A 194 -6.00 -18.95 -7.20
C ARG A 194 -5.91 -17.49 -7.67
N PHE A 195 -6.03 -17.32 -8.97
CA PHE A 195 -6.01 -16.01 -9.58
C PHE A 195 -7.15 -15.14 -9.06
N TYR A 196 -8.36 -15.70 -9.10
CA TYR A 196 -9.56 -15.02 -8.66
C TYR A 196 -9.40 -14.53 -7.25
N GLN A 197 -8.90 -15.39 -6.38
CA GLN A 197 -8.67 -15.04 -4.97
C GLN A 197 -7.72 -13.85 -4.82
N LEU A 198 -6.59 -13.93 -5.52
CA LEU A 198 -5.55 -12.92 -5.41
C LEU A 198 -5.98 -11.59 -5.99
N THR A 199 -6.88 -11.64 -6.97
CA THR A 199 -7.38 -10.45 -7.63
C THR A 199 -8.35 -9.73 -6.70
N LYS A 200 -9.15 -10.54 -6.03
CA LYS A 200 -10.09 -10.04 -5.05
C LYS A 200 -9.33 -9.41 -3.91
N LEU A 201 -8.25 -10.04 -3.51
CA LEU A 201 -7.46 -9.50 -2.43
C LEU A 201 -6.89 -8.15 -2.82
N LEU A 202 -6.35 -8.05 -4.02
CA LEU A 202 -5.84 -6.76 -4.50
C LEU A 202 -6.93 -5.68 -4.50
N ASP A 203 -8.07 -6.02 -5.06
CA ASP A 203 -9.23 -5.15 -5.05
C ASP A 203 -9.55 -4.68 -3.64
N SER A 204 -9.45 -5.58 -2.68
CA SER A 204 -9.84 -5.28 -1.32
C SER A 204 -8.91 -4.27 -0.67
N VAL A 205 -7.71 -4.08 -1.22
CA VAL A 205 -6.80 -3.04 -0.72
C VAL A 205 -7.30 -1.63 -0.99
N GLN A 206 -8.10 -1.46 -2.05
CA GLN A 206 -8.48 -0.13 -2.47
C GLN A 206 -9.44 0.57 -1.48
N PRO A 207 -10.54 -0.09 -1.09
CA PRO A 207 -11.43 0.59 -0.15
C PRO A 207 -10.75 0.99 1.15
N ILE A 208 -9.78 0.20 1.57
CA ILE A 208 -9.02 0.45 2.79
C ILE A 208 -8.15 1.69 2.58
N ALA A 209 -7.47 1.76 1.44
CA ALA A 209 -6.67 2.94 1.15
C ALA A 209 -7.57 4.17 1.16
N ARG A 210 -8.77 4.04 0.62
CA ARG A 210 -9.69 5.17 0.53
C ARG A 210 -10.05 5.68 1.93
N GLU A 211 -10.22 4.76 2.86
CA GLU A 211 -10.57 5.14 4.21
C GLU A 211 -9.43 5.91 4.85
N LEU A 212 -8.21 5.48 4.56
CA LEU A 212 -7.03 6.09 5.15
C LEU A 212 -6.78 7.46 4.59
N HIS A 213 -7.03 7.58 3.30
CA HIS A 213 -7.04 8.85 2.63
C HIS A 213 -7.99 9.79 3.30
N GLN A 214 -9.23 9.34 3.44
CA GLN A 214 -10.26 10.18 4.01
C GLN A 214 -9.78 10.70 5.35
N PHE A 215 -9.33 9.79 6.20
CA PHE A 215 -8.90 10.08 7.56
C PHE A 215 -7.70 11.02 7.62
N THR A 216 -6.68 10.75 6.81
CA THR A 216 -5.47 11.57 6.85
C THR A 216 -5.74 12.98 6.34
N PHE A 217 -6.63 13.05 5.36
CA PHE A 217 -7.04 14.30 4.77
C PHE A 217 -7.80 15.10 5.83
N ASP A 218 -8.86 14.49 6.37
CA ASP A 218 -9.63 15.10 7.43
C ASP A 218 -8.68 15.51 8.54
N LEU A 219 -7.77 14.61 8.87
CA LEU A 219 -6.80 14.84 9.93
C LEU A 219 -5.88 16.02 9.62
N LEU A 220 -5.40 16.09 8.39
CA LEU A 220 -4.53 17.17 7.97
C LEU A 220 -5.23 18.51 8.20
N ILE A 221 -6.48 18.58 7.80
CA ILE A 221 -7.25 19.81 7.90
C ILE A 221 -7.27 20.35 9.34
N LYS A 222 -7.42 19.46 10.30
CA LYS A 222 -7.45 19.85 11.72
C LYS A 222 -6.11 19.73 12.43
N SER A 223 -5.03 19.51 11.67
CA SER A 223 -3.71 19.24 12.25
C SER A 223 -3.19 20.42 13.07
N HIS A 224 -3.41 21.63 12.56
CA HIS A 224 -3.03 22.86 13.27
C HIS A 224 -3.67 22.95 14.66
N MET A 225 -4.93 22.52 14.77
CA MET A 225 -5.67 22.52 16.03
C MET A 225 -5.17 21.47 17.02
N VAL A 226 -5.02 20.24 16.55
CA VAL A 226 -4.66 19.09 17.40
C VAL A 226 -3.14 18.86 17.56
N SER A 227 -2.33 19.70 16.89
CA SER A 227 -0.87 19.62 16.95
C SER A 227 -0.35 18.19 16.66
N VAL A 228 -0.76 17.67 15.49
CA VAL A 228 -0.21 16.43 14.90
C VAL A 228 0.68 16.87 13.75
N ASP A 229 1.99 16.62 13.84
CA ASP A 229 2.91 17.16 12.86
C ASP A 229 2.92 16.38 11.54
N PHE A 230 2.67 17.12 10.45
CA PHE A 230 2.70 16.60 9.07
C PHE A 230 3.97 17.09 8.36
N PRO A 231 4.80 16.15 7.91
CA PRO A 231 6.00 16.43 7.10
C PRO A 231 5.78 17.12 5.73
N GLU A 232 6.89 17.59 5.13
CA GLU A 232 6.86 18.35 3.89
C GLU A 232 6.06 17.66 2.80
N MET A 233 6.43 16.42 2.55
CA MET A 233 5.93 15.66 1.41
C MET A 233 4.55 15.09 1.67
N MET A 234 4.30 14.74 2.92
CA MET A 234 2.96 14.34 3.34
C MET A 234 1.96 15.41 2.94
N ALA A 235 1.99 16.55 3.63
CA ALA A 235 1.06 17.65 3.37
C ALA A 235 0.93 17.97 1.90
N GLU A 236 2.03 17.82 1.16
CA GLU A 236 2.03 18.05 -0.28
C GLU A 236 1.14 17.02 -0.96
N ILE A 237 1.39 15.76 -0.70
CA ILE A 237 0.57 14.68 -1.25
C ILE A 237 -0.88 14.79 -0.79
N ILE A 238 -1.06 14.87 0.52
CA ILE A 238 -2.38 14.75 1.10
C ILE A 238 -3.31 15.84 0.64
N SER A 239 -2.80 17.07 0.54
CA SER A 239 -3.60 18.25 0.16
C SER A 239 -3.76 18.39 -1.36
N VAL A 240 -2.92 17.73 -2.13
CA VAL A 240 -2.89 17.93 -3.56
C VAL A 240 -3.32 16.69 -4.32
N GLN A 241 -2.73 15.53 -4.01
CA GLN A 241 -3.03 14.29 -4.74
C GLN A 241 -4.26 13.55 -4.15
N VAL A 242 -4.27 13.40 -2.84
CA VAL A 242 -5.33 12.65 -2.17
C VAL A 242 -6.73 13.17 -2.53
N PRO A 243 -6.92 14.52 -2.57
CA PRO A 243 -8.26 15.01 -2.88
C PRO A 243 -8.74 14.63 -4.28
N LYS A 244 -7.82 14.43 -5.22
CA LYS A 244 -8.19 14.02 -6.56
C LYS A 244 -8.81 12.62 -6.53
N ILE A 245 -8.31 11.80 -5.62
CA ILE A 245 -8.81 10.45 -5.43
C ILE A 245 -10.19 10.48 -4.77
N LEU A 246 -10.28 11.26 -3.70
CA LEU A 246 -11.52 11.41 -2.97
C LEU A 246 -12.60 12.11 -3.79
N SER A 247 -12.18 12.99 -4.70
CA SER A 247 -13.11 13.71 -5.61
C SER A 247 -13.55 12.88 -6.83
N GLY A 248 -13.01 11.67 -6.97
CA GLY A 248 -13.33 10.80 -8.09
C GLY A 248 -12.67 11.20 -9.41
N LYS A 249 -11.59 11.99 -9.33
CA LYS A 249 -10.82 12.37 -10.51
C LYS A 249 -9.81 11.30 -10.83
N VAL A 250 -9.26 10.74 -9.76
CA VAL A 250 -8.35 9.62 -9.83
C VAL A 250 -9.07 8.43 -9.21
N LYS A 251 -9.12 7.34 -9.97
CA LYS A 251 -9.82 6.16 -9.53
C LYS A 251 -8.92 4.94 -9.62
N PRO A 252 -9.11 3.99 -8.69
CA PRO A 252 -8.42 2.71 -8.73
C PRO A 252 -8.86 1.82 -9.86
N ILE A 253 -7.90 1.07 -10.41
CA ILE A 253 -8.20 0.06 -11.40
C ILE A 253 -8.58 -1.18 -10.62
N TYR A 254 -9.84 -1.56 -10.74
CA TYR A 254 -10.32 -2.79 -10.14
C TYR A 254 -10.33 -3.90 -11.18
N PHE A 255 -10.03 -5.10 -10.69
CA PHE A 255 -10.21 -6.32 -11.46
C PHE A 255 -11.68 -6.65 -11.58
N HIS A 256 -12.39 -6.62 -10.46
CA HIS A 256 -13.80 -6.99 -10.40
C HIS A 256 -14.64 -5.76 -10.16
N THR A 257 -15.87 -5.79 -10.68
CA THR A 257 -16.77 -4.64 -10.61
C THR A 257 -17.28 -4.42 -9.18
N GLN A 258 -17.38 -3.14 -8.80
CA GLN A 258 -17.71 -2.73 -7.43
C GLN A 258 -19.12 -2.14 -7.32
#